data_3P88
#
_entry.id   3P88
#
_cell.length_a   158.537
_cell.length_b   158.537
_cell.length_c   158.537
_cell.angle_alpha   90.000
_cell.angle_beta   90.000
_cell.angle_gamma   90.000
#
_symmetry.space_group_name_H-M   'F 2 3'
#
loop_
_entity.id
_entity.type
_entity.pdbx_description
1 polymer 'Farnesoid X receptor'
2 polymer 'Nuclear receptor coactivator 1'
3 non-polymer '7-(4-{[3-(2,6-dimethylphenyl)-5-(1-methylethyl)isoxazol-4-yl]methoxy}phenyl)isoquinoline-3-carboxylic acid'
4 non-polymer 'SULFATE ION'
5 water water
#
loop_
_entity_poly.entity_id
_entity_poly.type
_entity_poly.pdbx_seq_one_letter_code
_entity_poly.pdbx_strand_id
1 'polypeptide(L)'
;ELTPDQQTLLHFIMDSYNKQRMPQEITNKILKEEFSAEENFEILTEMATNHVQVLVEFTKKLPGFQTLDHEDQIALLKGS
AVEAMFLRSAEIFNKKLPSGHSDLLEERIRNSGISDEYITPMFSFYKSIGELKMTQEEYALLTAIVILSPDRQYIKDREA
VEKLQEPLLDVLQKLCKIHQPENPQHFAELLGRLTELRTFNHHHAEMLMSWRVNDHKFTPLLEEIWDVQ
;
A
2 'polypeptide(L)' DHQLLRYLLDK B
#
loop_
_chem_comp.id
_chem_comp.type
_chem_comp.name
_chem_comp.formula
P88 non-polymer '7-(4-{[3-(2,6-dimethylphenyl)-5-(1-methylethyl)isoxazol-4-yl]methoxy}phenyl)isoquinoline-3-carboxylic acid' 'C31 H28 N2 O4'
SO4 non-polymer 'SULFATE ION' 'O4 S -2'
#
# COMPACT_ATOMS: atom_id res chain seq x y z
N GLU A 1 -12.59 22.98 -8.69
CA GLU A 1 -13.94 23.19 -8.13
C GLU A 1 -14.29 22.08 -7.13
N LEU A 2 -13.65 22.12 -5.96
CA LEU A 2 -13.89 21.14 -4.91
C LEU A 2 -15.24 21.38 -4.23
N THR A 3 -16.22 20.55 -4.56
CA THR A 3 -17.56 20.65 -3.98
C THR A 3 -17.51 20.26 -2.49
N PRO A 4 -18.45 20.79 -1.69
CA PRO A 4 -18.49 20.42 -0.27
C PRO A 4 -18.73 18.91 -0.05
N ASP A 5 -19.52 18.30 -0.92
CA ASP A 5 -19.74 16.85 -0.92
C ASP A 5 -18.41 16.09 -0.98
N GLN A 6 -17.47 16.62 -1.76
CA GLN A 6 -16.14 16.03 -1.92
C GLN A 6 -15.15 16.52 -0.88
N GLN A 7 -15.25 17.80 -0.50
CA GLN A 7 -14.41 18.36 0.55
C GLN A 7 -14.52 17.56 1.85
N THR A 8 -15.72 17.01 2.10
CA THR A 8 -15.97 16.15 3.26
C THR A 8 -15.41 14.74 3.07
N LEU A 9 -15.54 14.20 1.85
CA LEU A 9 -15.07 12.85 1.54
C LEU A 9 -13.56 12.73 1.71
N LEU A 10 -12.83 13.65 1.08
CA LEU A 10 -11.37 13.72 1.19
C LEU A 10 -10.92 13.86 2.64
N HIS A 11 -11.60 14.74 3.38
CA HIS A 11 -11.27 14.99 4.78
C HIS A 11 -11.43 13.72 5.62
N PHE A 12 -12.48 12.95 5.35
CA PHE A 12 -12.67 11.65 5.98
C PHE A 12 -11.47 10.75 5.74
N ILE A 13 -11.00 10.72 4.48
CA ILE A 13 -9.88 9.89 4.08
C ILE A 13 -8.56 10.34 4.72
N MET A 14 -8.26 11.62 4.63
CA MET A 14 -6.98 12.16 5.13
C MET A 14 -6.84 12.05 6.66
N ASP A 15 -7.97 12.10 7.36
CA ASP A 15 -7.97 11.89 8.80
C ASP A 15 -7.71 10.42 9.13
N SER A 16 -8.36 9.53 8.39
CA SER A 16 -8.10 8.09 8.50
C SER A 16 -6.65 7.77 8.12
N TYR A 17 -6.11 8.52 7.15
CA TYR A 17 -4.73 8.33 6.69
C TYR A 17 -3.70 8.74 7.75
N ASN A 18 -4.13 9.47 8.78
CA ASN A 18 -3.31 9.73 9.96
C ASN A 18 -3.85 9.05 11.23
N LYS A 19 -5.04 8.44 11.13
CA LYS A 19 -5.74 7.88 12.30
C LYS A 19 -5.26 6.47 12.64
N GLN A 20 -5.26 5.58 11.65
CA GLN A 20 -4.75 4.22 11.83
C GLN A 20 -3.20 4.26 11.81
N ARG A 21 -2.59 4.15 12.99
CA ARG A 21 -1.17 4.50 13.15
C ARG A 21 -0.24 3.33 13.46
N MET A 22 0.91 3.34 12.79
CA MET A 22 2.00 2.43 13.07
C MET A 22 2.72 2.90 14.33
N PRO A 23 2.85 2.01 15.34
CA PRO A 23 3.55 2.40 16.57
C PRO A 23 5.00 2.82 16.36
N GLN A 24 5.47 3.75 17.18
CA GLN A 24 6.84 4.25 17.10
C GLN A 24 7.81 3.19 17.62
N GLU A 25 7.47 2.58 18.76
CA GLU A 25 8.31 1.54 19.36
C GLU A 25 8.68 0.43 18.38
N ILE A 26 7.76 0.10 17.49
CA ILE A 26 7.97 -0.95 16.49
C ILE A 26 8.88 -0.45 15.38
N THR A 27 8.52 0.67 14.76
CA THR A 27 9.31 1.24 13.65
C THR A 27 10.70 1.73 14.07
N ASN A 28 10.87 2.03 15.36
CA ASN A 28 12.20 2.35 15.91
C ASN A 28 13.21 1.23 15.70
N LYS A 29 12.72 0.00 15.57
CA LYS A 29 13.57 -1.17 15.33
C LYS A 29 14.24 -1.17 13.94
N ILE A 30 13.82 -0.26 13.06
CA ILE A 30 14.51 -0.06 11.78
C ILE A 30 15.87 0.59 12.04
N LEU A 31 15.89 1.54 12.98
CA LEU A 31 17.11 2.23 13.40
C LEU A 31 17.91 1.43 14.42
N LYS A 32 17.20 0.95 15.45
CA LYS A 32 17.81 0.38 16.66
C LYS A 32 18.63 -0.88 16.43
N GLU A 33 18.05 -1.86 15.73
CA GLU A 33 18.62 -3.20 15.67
C GLU A 33 19.88 -3.31 14.81
N GLU A 34 20.55 -4.45 14.91
CA GLU A 34 21.77 -4.71 14.14
C GLU A 34 21.45 -4.85 12.65
N PHE A 35 22.48 -4.70 11.83
CA PHE A 35 22.33 -4.72 10.38
C PHE A 35 23.00 -5.97 9.80
N SER A 36 22.23 -7.05 9.76
CA SER A 36 22.66 -8.30 9.14
C SER A 36 21.54 -8.79 8.25
N ALA A 37 21.87 -9.62 7.27
CA ALA A 37 20.88 -10.16 6.34
C ALA A 37 19.75 -10.89 7.06
N GLU A 38 20.10 -11.57 8.15
CA GLU A 38 19.11 -12.25 8.98
C GLU A 38 18.20 -11.23 9.68
N GLU A 39 18.80 -10.27 10.36
CA GLU A 39 18.05 -9.29 11.15
C GLU A 39 17.24 -8.36 10.27
N ASN A 40 17.85 -7.89 9.18
CA ASN A 40 17.18 -7.03 8.21
C ASN A 40 15.84 -7.62 7.80
N PHE A 41 15.84 -8.92 7.53
CA PHE A 41 14.64 -9.63 7.10
C PHE A 41 13.59 -9.72 8.22
N GLU A 42 14.02 -10.18 9.39
CA GLU A 42 13.14 -10.27 10.56
C GLU A 42 12.43 -8.94 10.78
N ILE A 43 13.18 -7.85 10.66
CA ILE A 43 12.64 -6.51 10.87
C ILE A 43 11.62 -6.17 9.79
N LEU A 44 12.02 -6.29 8.54
CA LEU A 44 11.12 -5.99 7.41
C LEU A 44 9.81 -6.76 7.49
N THR A 45 9.88 -8.02 7.93
CA THR A 45 8.68 -8.82 8.13
C THR A 45 7.82 -8.24 9.24
N GLU A 46 8.45 -7.82 10.32
CA GLU A 46 7.74 -7.22 11.44
C GLU A 46 7.00 -5.95 11.00
N MET A 47 7.69 -5.11 10.24
CA MET A 47 7.10 -3.89 9.70
C MET A 47 5.88 -4.19 8.84
N ALA A 48 6.01 -5.17 7.93
CA ALA A 48 4.95 -5.56 7.00
C ALA A 48 3.66 -6.00 7.71
N THR A 49 3.75 -6.99 8.59
CA THR A 49 2.58 -7.47 9.35
C THR A 49 1.86 -6.36 10.09
N ASN A 50 2.64 -5.55 10.79
CA ASN A 50 2.08 -4.40 11.51
C ASN A 50 1.37 -3.47 10.54
N HIS A 51 1.96 -3.29 9.35
CA HIS A 51 1.34 -2.45 8.33
C HIS A 51 0.08 -3.09 7.73
N VAL A 52 0.07 -4.41 7.59
CA VAL A 52 -1.11 -5.10 7.05
C VAL A 52 -2.32 -4.87 7.94
N GLN A 53 -2.09 -4.75 9.24
CA GLN A 53 -3.16 -4.42 10.18
C GLN A 53 -3.61 -2.97 10.01
N VAL A 54 -2.63 -2.08 9.86
CA VAL A 54 -2.90 -0.65 9.68
C VAL A 54 -3.70 -0.41 8.41
N LEU A 55 -3.42 -1.19 7.38
CA LEU A 55 -4.14 -1.11 6.11
C LEU A 55 -5.56 -1.67 6.23
N VAL A 56 -5.74 -2.70 7.07
CA VAL A 56 -7.07 -3.26 7.30
C VAL A 56 -7.94 -2.31 8.13
N GLU A 57 -7.32 -1.61 9.08
CA GLU A 57 -8.03 -0.58 9.85
C GLU A 57 -8.38 0.61 8.98
N PHE A 58 -7.50 0.93 8.03
CA PHE A 58 -7.73 2.01 7.08
C PHE A 58 -8.81 1.62 6.08
N THR A 59 -8.69 0.44 5.51
CA THR A 59 -9.63 -0.03 4.50
C THR A 59 -11.04 -0.13 5.07
N LYS A 60 -11.14 -0.55 6.33
CA LYS A 60 -12.43 -0.61 7.02
C LYS A 60 -13.08 0.77 7.09
N LYS A 61 -12.26 1.79 7.33
CA LYS A 61 -12.74 3.17 7.49
C LYS A 61 -12.95 3.91 6.16
N LEU A 62 -12.71 3.24 5.03
CA LEU A 62 -13.02 3.81 3.72
C LEU A 62 -14.54 3.86 3.54
N PRO A 63 -15.07 4.99 3.03
CA PRO A 63 -16.51 5.12 2.79
C PRO A 63 -17.09 4.04 1.88
N GLY A 64 -18.14 3.37 2.35
CA GLY A 64 -18.84 2.36 1.56
C GLY A 64 -18.10 1.04 1.41
N PHE A 65 -17.20 0.74 2.36
CA PHE A 65 -16.44 -0.50 2.32
C PHE A 65 -17.16 -1.61 3.07
N GLN A 66 -17.63 -1.29 4.28
CA GLN A 66 -18.33 -2.26 5.13
C GLN A 66 -19.67 -2.72 4.55
N THR A 67 -20.26 -1.88 3.70
CA THR A 67 -21.49 -2.23 3.00
C THR A 67 -21.29 -3.29 1.91
N LEU A 68 -20.03 -3.58 1.56
CA LEU A 68 -19.72 -4.57 0.51
C LEU A 68 -19.93 -6.00 0.99
N ASP A 69 -19.90 -6.92 0.03
CA ASP A 69 -20.02 -8.35 0.30
C ASP A 69 -18.82 -8.86 1.10
N HIS A 70 -19.09 -9.66 2.12
CA HIS A 70 -18.04 -10.20 3.00
C HIS A 70 -17.00 -11.04 2.24
N GLU A 71 -17.43 -11.75 1.20
CA GLU A 71 -16.53 -12.58 0.40
C GLU A 71 -15.58 -11.73 -0.45
N ASP A 72 -16.10 -10.70 -1.10
CA ASP A 72 -15.29 -9.80 -1.93
C ASP A 72 -14.31 -8.97 -1.09
N GLN A 73 -14.73 -8.59 0.11
CA GLN A 73 -13.89 -7.80 1.02
C GLN A 73 -12.50 -8.41 1.24
N ILE A 74 -12.43 -9.74 1.24
CA ILE A 74 -11.15 -10.45 1.35
C ILE A 74 -10.36 -10.32 0.05
N ALA A 75 -11.03 -10.56 -1.07
CA ALA A 75 -10.38 -10.57 -2.38
C ALA A 75 -9.72 -9.23 -2.74
N LEU A 76 -10.27 -8.14 -2.21
CA LEU A 76 -9.69 -6.81 -2.41
C LEU A 76 -8.47 -6.59 -1.53
N LEU A 77 -8.64 -6.82 -0.22
CA LEU A 77 -7.53 -6.76 0.75
C LEU A 77 -6.37 -7.63 0.28
N LYS A 78 -6.70 -8.82 -0.21
CA LYS A 78 -5.72 -9.78 -0.69
C LYS A 78 -5.01 -9.29 -1.96
N GLY A 79 -5.76 -8.67 -2.85
CA GLY A 79 -5.24 -8.23 -4.14
C GLY A 79 -4.40 -6.96 -4.08
N SER A 80 -4.79 -6.04 -3.21
CA SER A 80 -4.11 -4.75 -3.08
C SER A 80 -3.10 -4.71 -1.92
N ALA A 81 -2.88 -5.84 -1.25
CA ALA A 81 -2.00 -5.88 -0.09
C ALA A 81 -0.61 -5.34 -0.42
N VAL A 82 0.08 -6.01 -1.34
CA VAL A 82 1.44 -5.61 -1.70
C VAL A 82 1.49 -4.22 -2.30
N GLU A 83 0.53 -3.91 -3.17
CA GLU A 83 0.51 -2.62 -3.86
C GLU A 83 0.36 -1.45 -2.90
N ALA A 84 -0.53 -1.59 -1.91
CA ALA A 84 -0.69 -0.55 -0.90
C ALA A 84 0.57 -0.40 -0.07
N MET A 85 1.21 -1.52 0.24
CA MET A 85 2.47 -1.52 0.98
C MET A 85 3.57 -0.84 0.19
N PHE A 86 3.63 -1.15 -1.11
CA PHE A 86 4.61 -0.56 -2.01
C PHE A 86 4.41 0.94 -2.11
N LEU A 87 3.15 1.37 -2.03
CA LEU A 87 2.78 2.76 -2.16
C LEU A 87 3.17 3.53 -0.91
N ARG A 88 3.01 2.90 0.26
CA ARG A 88 3.34 3.54 1.55
C ARG A 88 4.86 3.65 1.75
N SER A 89 5.57 2.58 1.39
CA SER A 89 7.04 2.56 1.46
C SER A 89 7.66 3.55 0.50
N ALA A 90 6.99 3.80 -0.63
CA ALA A 90 7.42 4.82 -1.59
C ALA A 90 7.30 6.21 -0.97
N GLU A 91 6.24 6.43 -0.20
CA GLU A 91 6.07 7.68 0.53
C GLU A 91 7.15 7.86 1.61
N ILE A 92 7.61 6.77 2.20
CA ILE A 92 8.70 6.82 3.18
C ILE A 92 9.94 7.42 2.52
N PHE A 93 10.37 6.79 1.43
CA PHE A 93 11.61 7.19 0.74
C PHE A 93 11.52 8.58 0.12
N ASN A 94 10.41 8.84 -0.55
CA ASN A 94 10.21 10.10 -1.29
C ASN A 94 10.11 11.31 -0.38
N LYS A 95 9.21 11.24 0.59
CA LYS A 95 8.98 12.37 1.51
C LYS A 95 9.84 12.30 2.78
N LYS A 96 10.66 11.25 2.91
CA LYS A 96 11.61 11.10 4.01
C LYS A 96 10.91 11.22 5.36
N LEU A 97 9.95 10.34 5.60
CA LEU A 97 9.13 10.39 6.81
C LEU A 97 9.96 9.90 7.99
N PRO A 98 10.04 10.69 9.07
CA PRO A 98 10.96 10.39 10.17
C PRO A 98 10.76 8.99 10.78
N SER A 99 9.51 8.66 11.11
CA SER A 99 9.17 7.36 11.70
C SER A 99 9.38 6.18 10.74
N GLY A 100 9.66 6.46 9.46
CA GLY A 100 9.95 5.42 8.47
C GLY A 100 11.43 5.08 8.36
N HIS A 101 12.29 6.04 8.70
CA HIS A 101 13.75 5.83 8.71
C HIS A 101 14.23 5.38 7.33
N SER A 102 14.01 6.22 6.33
CA SER A 102 14.22 5.86 4.92
C SER A 102 15.58 5.22 4.65
N ASP A 103 16.65 5.92 5.01
CA ASP A 103 18.00 5.49 4.70
C ASP A 103 18.34 4.12 5.28
N LEU A 104 17.93 3.90 6.52
CA LEU A 104 18.18 2.63 7.19
C LEU A 104 17.22 1.55 6.73
N LEU A 105 15.96 1.92 6.48
CA LEU A 105 15.01 1.02 5.85
C LEU A 105 15.55 0.54 4.50
N GLU A 106 16.19 1.44 3.76
CA GLU A 106 16.82 1.10 2.48
C GLU A 106 18.00 0.14 2.64
N GLU A 107 18.78 0.32 3.71
CA GLU A 107 19.90 -0.59 4.01
C GLU A 107 19.43 -2.01 4.27
N ARG A 108 18.31 -2.14 4.98
CA ARG A 108 17.75 -3.44 5.30
C ARG A 108 17.17 -4.12 4.07
N ILE A 109 16.39 -3.37 3.29
CA ILE A 109 15.81 -3.91 2.06
C ILE A 109 16.92 -4.38 1.11
N ARG A 110 17.95 -3.57 0.94
CA ARG A 110 19.07 -3.89 0.06
C ARG A 110 19.94 -5.06 0.55
N ASN A 111 19.76 -5.49 1.79
CA ASN A 111 20.45 -6.67 2.31
C ASN A 111 19.47 -7.56 3.08
N SER A 112 18.59 -8.22 2.34
CA SER A 112 17.59 -9.11 2.94
C SER A 112 17.25 -10.31 2.06
N GLY A 113 18.20 -10.75 1.24
CA GLY A 113 18.01 -11.90 0.38
C GLY A 113 17.35 -11.61 -0.97
N ILE A 114 16.98 -10.35 -1.20
CA ILE A 114 16.28 -9.96 -2.43
C ILE A 114 17.27 -9.84 -3.60
N SER A 115 16.89 -10.39 -4.74
CA SER A 115 17.74 -10.40 -5.93
C SER A 115 17.88 -9.00 -6.55
N ASP A 116 19.00 -8.78 -7.23
CA ASP A 116 19.23 -7.54 -7.98
C ASP A 116 18.14 -7.34 -9.03
N GLU A 117 17.66 -8.44 -9.59
CA GLU A 117 16.58 -8.41 -10.58
C GLU A 117 15.35 -7.68 -10.04
N TYR A 118 15.07 -7.82 -8.74
CA TYR A 118 13.91 -7.18 -8.10
C TYR A 118 14.25 -5.91 -7.31
N ILE A 119 15.52 -5.72 -6.97
CA ILE A 119 15.94 -4.51 -6.28
C ILE A 119 16.01 -3.33 -7.24
N THR A 120 16.62 -3.55 -8.41
CA THR A 120 16.80 -2.46 -9.38
C THR A 120 15.48 -1.76 -9.73
N PRO A 121 14.48 -2.53 -10.23
CA PRO A 121 13.22 -1.89 -10.63
C PRO A 121 12.46 -1.29 -9.46
N MET A 122 12.47 -1.99 -8.33
CA MET A 122 11.82 -1.53 -7.11
C MET A 122 12.25 -0.12 -6.74
N PHE A 123 13.55 0.16 -6.85
CA PHE A 123 14.09 1.45 -6.46
C PHE A 123 14.04 2.46 -7.60
N SER A 124 14.14 1.98 -8.83
CA SER A 124 13.86 2.81 -10.00
C SER A 124 12.45 3.40 -9.90
N PHE A 125 11.50 2.58 -9.48
CA PHE A 125 10.12 3.02 -9.23
C PHE A 125 10.07 4.10 -8.16
N TYR A 126 10.74 3.86 -7.03
CA TYR A 126 10.76 4.83 -5.94
C TYR A 126 11.29 6.19 -6.40
N LYS A 127 12.37 6.17 -7.19
CA LYS A 127 12.98 7.39 -7.71
C LYS A 127 12.01 8.18 -8.57
N SER A 128 11.41 7.50 -9.55
CA SER A 128 10.53 8.15 -10.52
C SER A 128 9.26 8.69 -9.89
N ILE A 129 8.62 7.89 -9.03
CA ILE A 129 7.43 8.34 -8.33
C ILE A 129 7.76 9.53 -7.40
N GLY A 130 8.96 9.51 -6.83
CA GLY A 130 9.44 10.64 -6.04
C GLY A 130 9.41 11.93 -6.84
N GLU A 131 9.91 11.86 -8.06
CA GLU A 131 10.02 13.03 -8.93
C GLU A 131 8.67 13.64 -9.29
N LEU A 132 7.58 12.91 -9.07
CA LEU A 132 6.23 13.48 -9.23
C LEU A 132 5.90 14.53 -8.16
N LYS A 133 6.73 14.65 -7.13
CA LYS A 133 6.54 15.65 -6.08
C LYS A 133 5.11 15.53 -5.54
N MET A 134 4.78 14.34 -5.06
CA MET A 134 3.43 13.97 -4.71
C MET A 134 3.08 14.46 -3.30
N THR A 135 1.83 14.84 -3.10
CA THR A 135 1.36 15.34 -1.79
C THR A 135 0.73 14.21 -0.99
N GLN A 136 0.52 14.44 0.31
CA GLN A 136 -0.07 13.43 1.20
C GLN A 136 -1.51 13.09 0.76
N GLU A 137 -2.18 14.04 0.13
CA GLU A 137 -3.49 13.79 -0.47
C GLU A 137 -3.37 12.80 -1.62
N GLU A 138 -2.47 13.10 -2.54
CA GLU A 138 -2.23 12.25 -3.70
C GLU A 138 -1.81 10.84 -3.31
N TYR A 139 -1.02 10.73 -2.24
CA TYR A 139 -0.63 9.42 -1.70
C TYR A 139 -1.83 8.71 -1.10
N ALA A 140 -2.57 9.40 -0.26
CA ALA A 140 -3.73 8.81 0.44
C ALA A 140 -4.85 8.42 -0.53
N LEU A 141 -5.02 9.21 -1.59
CA LEU A 141 -6.10 8.97 -2.53
C LEU A 141 -5.81 7.78 -3.45
N LEU A 142 -4.56 7.65 -3.88
CA LEU A 142 -4.14 6.50 -4.68
C LEU A 142 -4.33 5.21 -3.89
N THR A 143 -4.02 5.25 -2.60
CA THR A 143 -4.17 4.09 -1.73
C THR A 143 -5.61 3.61 -1.75
N ALA A 144 -6.54 4.50 -1.44
CA ALA A 144 -7.97 4.18 -1.50
C ALA A 144 -8.34 3.61 -2.88
N ILE A 145 -7.76 4.18 -3.93
CA ILE A 145 -8.02 3.75 -5.30
C ILE A 145 -7.47 2.33 -5.60
N VAL A 146 -6.24 2.06 -5.17
CA VAL A 146 -5.63 0.75 -5.42
C VAL A 146 -6.36 -0.38 -4.67
N ILE A 147 -6.83 -0.07 -3.47
CA ILE A 147 -7.56 -1.04 -2.66
C ILE A 147 -8.89 -1.42 -3.31
N LEU A 148 -9.56 -0.43 -3.90
CA LEU A 148 -10.90 -0.63 -4.46
C LEU A 148 -10.90 -0.85 -5.97
N SER A 149 -9.80 -1.39 -6.50
CA SER A 149 -9.70 -1.65 -7.94
C SER A 149 -10.59 -2.84 -8.32
N PRO A 150 -11.62 -2.61 -9.17
CA PRO A 150 -12.55 -3.69 -9.53
C PRO A 150 -11.92 -4.88 -10.25
N ASP A 151 -10.88 -4.64 -11.05
CA ASP A 151 -10.29 -5.71 -11.87
C ASP A 151 -9.28 -6.58 -11.12
N ARG A 152 -9.58 -6.90 -9.86
CA ARG A 152 -8.79 -7.90 -9.12
C ARG A 152 -9.30 -9.28 -9.47
N GLN A 153 -8.45 -10.28 -9.26
CA GLN A 153 -8.80 -11.66 -9.56
C GLN A 153 -9.75 -12.20 -8.49
N TYR A 154 -10.59 -13.16 -8.89
CA TYR A 154 -11.55 -13.83 -8.00
C TYR A 154 -12.58 -12.85 -7.38
N ILE A 155 -13.04 -11.90 -8.19
CA ILE A 155 -14.12 -10.99 -7.78
C ILE A 155 -15.40 -11.33 -8.57
N LYS A 156 -16.55 -11.10 -7.95
CA LYS A 156 -17.85 -11.39 -8.56
C LYS A 156 -18.63 -10.11 -8.88
N ASP A 157 -18.74 -9.23 -7.89
CA ASP A 157 -19.52 -7.99 -8.02
C ASP A 157 -18.60 -6.78 -8.27
N ARG A 158 -18.05 -6.71 -9.48
CA ARG A 158 -17.11 -5.65 -9.84
C ARG A 158 -17.77 -4.29 -10.09
N GLU A 159 -19.07 -4.31 -10.42
CA GLU A 159 -19.82 -3.08 -10.65
C GLU A 159 -20.01 -2.30 -9.34
N ALA A 160 -20.17 -3.02 -8.23
CA ALA A 160 -20.29 -2.41 -6.91
C ALA A 160 -18.97 -1.82 -6.43
N VAL A 161 -17.86 -2.37 -6.92
CA VAL A 161 -16.53 -1.85 -6.62
C VAL A 161 -16.27 -0.61 -7.49
N GLU A 162 -16.65 -0.69 -8.77
CA GLU A 162 -16.56 0.45 -9.69
C GLU A 162 -17.28 1.67 -9.13
N LYS A 163 -18.42 1.44 -8.48
CA LYS A 163 -19.20 2.51 -7.85
C LYS A 163 -18.46 3.18 -6.70
N LEU A 164 -17.54 2.46 -6.07
CA LEU A 164 -16.77 2.99 -4.94
C LEU A 164 -15.47 3.69 -5.37
N GLN A 165 -14.90 3.26 -6.49
CA GLN A 165 -13.64 3.83 -6.99
C GLN A 165 -13.89 5.15 -7.74
N GLU A 166 -14.88 5.15 -8.64
CA GLU A 166 -15.21 6.33 -9.43
C GLU A 166 -15.21 7.61 -8.60
N PRO A 167 -15.94 7.64 -7.46
CA PRO A 167 -15.96 8.79 -6.55
C PRO A 167 -14.58 9.35 -6.19
N LEU A 168 -13.62 8.46 -5.92
CA LEU A 168 -12.27 8.88 -5.58
C LEU A 168 -11.56 9.45 -6.81
N LEU A 169 -11.62 8.72 -7.91
CA LEU A 169 -10.94 9.10 -9.15
C LEU A 169 -11.38 10.48 -9.65
N ASP A 170 -12.67 10.80 -9.46
CA ASP A 170 -13.20 12.11 -9.79
C ASP A 170 -12.53 13.18 -8.94
N VAL A 171 -12.52 12.95 -7.62
CA VAL A 171 -11.92 13.89 -6.67
C VAL A 171 -10.43 14.11 -6.93
N LEU A 172 -9.73 13.06 -7.33
CA LEU A 172 -8.29 13.16 -7.61
C LEU A 172 -8.02 14.03 -8.84
N GLN A 173 -8.76 13.81 -9.92
CA GLN A 173 -8.60 14.61 -11.13
C GLN A 173 -8.84 16.09 -10.83
N LYS A 174 -9.82 16.38 -9.97
CA LYS A 174 -10.10 17.74 -9.54
C LYS A 174 -8.86 18.37 -8.89
N LEU A 175 -8.20 17.62 -8.02
CA LEU A 175 -6.99 18.10 -7.34
C LEU A 175 -5.80 18.27 -8.29
N CYS A 176 -5.75 17.47 -9.35
CA CYS A 176 -4.70 17.58 -10.37
C CYS A 176 -4.89 18.80 -11.28
N LYS A 177 -6.11 19.34 -11.31
CA LYS A 177 -6.39 20.58 -12.06
C LYS A 177 -6.25 21.80 -11.14
N ILE A 178 -6.64 21.64 -9.87
CA ILE A 178 -6.62 22.71 -8.88
C ILE A 178 -5.19 23.11 -8.54
N HIS A 179 -4.39 22.13 -8.10
CA HIS A 179 -3.04 22.39 -7.64
C HIS A 179 -2.00 22.22 -8.74
N GLN A 180 -2.41 21.68 -9.89
CA GLN A 180 -1.51 21.49 -11.03
C GLN A 180 -2.17 21.91 -12.34
N PRO A 181 -2.52 23.21 -12.47
CA PRO A 181 -3.09 23.71 -13.71
C PRO A 181 -2.05 23.80 -14.84
N GLU A 182 -0.80 24.06 -14.47
CA GLU A 182 0.31 24.13 -15.41
C GLU A 182 0.38 22.90 -16.31
N ASN A 183 0.25 21.71 -15.71
CA ASN A 183 0.24 20.45 -16.44
C ASN A 183 -1.07 19.68 -16.28
N PRO A 184 -1.90 19.64 -17.35
CA PRO A 184 -3.14 18.86 -17.30
C PRO A 184 -2.93 17.33 -17.36
N GLN A 185 -1.72 16.90 -17.70
CA GLN A 185 -1.39 15.46 -17.77
C GLN A 185 -1.06 14.85 -16.40
N HIS A 186 -1.24 15.60 -15.32
CA HIS A 186 -0.85 15.15 -13.98
C HIS A 186 -1.73 14.01 -13.45
N PHE A 187 -3.03 14.07 -13.74
CA PHE A 187 -3.94 13.00 -13.35
C PHE A 187 -3.57 11.69 -14.05
N ALA A 188 -3.05 11.79 -15.28
CA ALA A 188 -2.59 10.63 -16.05
C ALA A 188 -1.30 10.03 -15.48
N GLU A 189 -0.45 10.89 -14.91
CA GLU A 189 0.80 10.42 -14.29
C GLU A 189 0.53 9.61 -13.03
N LEU A 190 -0.45 10.03 -12.24
CA LEU A 190 -0.86 9.28 -11.06
C LEU A 190 -1.42 7.92 -11.44
N LEU A 191 -2.29 7.89 -12.46
CA LEU A 191 -2.86 6.64 -12.96
C LEU A 191 -1.83 5.72 -13.61
N GLY A 192 -0.76 6.30 -14.15
CA GLY A 192 0.32 5.54 -14.75
C GLY A 192 0.99 4.62 -13.76
N ARG A 193 1.09 5.06 -12.51
CA ARG A 193 1.70 4.27 -11.45
C ARG A 193 0.86 3.07 -11.03
N LEU A 194 -0.46 3.23 -11.04
CA LEU A 194 -1.38 2.11 -10.80
C LEU A 194 -0.97 0.91 -11.66
N THR A 195 -0.57 1.16 -12.90
CA THR A 195 -0.07 0.13 -13.79
C THR A 195 1.34 -0.32 -13.39
N GLU A 196 2.19 0.63 -12.99
CA GLU A 196 3.55 0.29 -12.54
C GLU A 196 3.53 -0.61 -11.30
N LEU A 197 2.65 -0.28 -10.35
CA LEU A 197 2.45 -1.09 -9.14
C LEU A 197 2.09 -2.54 -9.47
N ARG A 198 1.22 -2.73 -10.46
CA ARG A 198 0.79 -4.07 -10.87
C ARG A 198 1.97 -4.95 -11.23
N THR A 199 2.92 -4.40 -11.97
CA THR A 199 4.10 -5.16 -12.41
C THR A 199 4.93 -5.66 -11.23
N PHE A 200 4.92 -4.91 -10.12
CA PHE A 200 5.61 -5.33 -8.90
C PHE A 200 4.91 -6.45 -8.16
N ASN A 201 3.60 -6.55 -8.34
CA ASN A 201 2.84 -7.66 -7.76
C ASN A 201 3.37 -9.00 -8.27
N HIS A 202 3.65 -9.07 -9.57
CA HIS A 202 4.27 -10.24 -10.18
C HIS A 202 5.65 -10.48 -9.61
N HIS A 203 6.43 -9.40 -9.49
CA HIS A 203 7.79 -9.45 -8.93
C HIS A 203 7.77 -10.02 -7.50
N HIS A 204 6.73 -9.66 -6.76
CA HIS A 204 6.61 -10.02 -5.35
C HIS A 204 6.41 -11.53 -5.14
N ALA A 205 5.61 -12.16 -6.01
CA ALA A 205 5.38 -13.60 -5.93
C ALA A 205 6.71 -14.36 -6.01
N GLU A 206 7.56 -13.94 -6.93
CA GLU A 206 8.88 -14.54 -7.11
C GLU A 206 9.80 -14.23 -5.92
N MET A 207 9.68 -13.03 -5.37
CA MET A 207 10.47 -12.63 -4.19
C MET A 207 10.16 -13.51 -2.99
N LEU A 208 8.88 -13.76 -2.75
CA LEU A 208 8.46 -14.61 -1.64
C LEU A 208 8.96 -16.04 -1.83
N MET A 209 8.90 -16.55 -3.06
CA MET A 209 9.40 -17.88 -3.36
C MET A 209 10.88 -18.02 -2.97
N SER A 210 11.69 -17.02 -3.31
CA SER A 210 13.13 -17.06 -3.02
C SER A 210 13.42 -17.17 -1.53
N TRP A 211 12.68 -16.40 -0.73
CA TRP A 211 12.83 -16.43 0.72
C TRP A 211 12.43 -17.79 1.29
N ARG A 212 11.31 -18.32 0.80
CA ARG A 212 10.79 -19.60 1.26
C ARG A 212 11.82 -20.72 1.09
N VAL A 213 12.33 -20.88 -0.14
CA VAL A 213 13.33 -21.92 -0.41
C VAL A 213 14.60 -21.73 0.40
N ASN A 214 14.83 -20.52 0.91
CA ASN A 214 15.95 -20.24 1.82
C ASN A 214 15.52 -20.17 3.28
N ASP A 215 14.42 -20.83 3.62
CA ASP A 215 13.92 -20.92 4.99
C ASP A 215 13.77 -19.55 5.66
N HIS A 216 12.67 -18.89 5.35
CA HIS A 216 12.35 -17.60 5.93
C HIS A 216 10.88 -17.56 6.33
N LYS A 217 10.61 -17.86 7.61
CA LYS A 217 9.25 -17.83 8.12
C LYS A 217 8.69 -16.42 7.99
N PHE A 218 7.46 -16.31 7.49
CA PHE A 218 6.75 -15.04 7.48
C PHE A 218 5.85 -14.96 8.72
N THR A 219 4.57 -14.64 8.57
CA THR A 219 3.64 -14.59 9.69
C THR A 219 2.29 -15.11 9.24
N PRO A 220 1.48 -15.61 10.19
CA PRO A 220 0.17 -16.13 9.79
C PRO A 220 -0.70 -15.11 9.08
N LEU A 221 -0.55 -13.83 9.40
CA LEU A 221 -1.33 -12.76 8.76
C LEU A 221 -0.86 -12.47 7.33
N LEU A 222 0.45 -12.40 7.14
CA LEU A 222 1.02 -12.21 5.81
C LEU A 222 0.82 -13.44 4.94
N GLU A 223 1.04 -14.61 5.52
CA GLU A 223 0.86 -15.88 4.82
C GLU A 223 -0.59 -16.02 4.33
N GLU A 224 -1.53 -15.45 5.07
CA GLU A 224 -2.93 -15.42 4.65
C GLU A 224 -3.13 -14.44 3.51
N ILE A 225 -2.75 -13.18 3.74
CA ILE A 225 -2.97 -12.10 2.77
C ILE A 225 -2.32 -12.35 1.41
N TRP A 226 -1.19 -13.07 1.39
CA TRP A 226 -0.47 -13.37 0.15
C TRP A 226 -0.60 -14.81 -0.33
N ASP A 227 -1.15 -15.69 0.52
CA ASP A 227 -1.20 -17.14 0.26
C ASP A 227 0.18 -17.79 0.28
N VAL A 228 0.56 -18.29 1.46
CA VAL A 228 1.82 -18.99 1.67
C VAL A 228 1.53 -20.27 2.45
N GLN A 229 1.85 -21.43 1.88
CA GLN A 229 1.49 -22.73 2.46
C GLN A 229 2.31 -23.06 3.72
N ASP B 1 -12.21 -20.76 5.44
CA ASP B 1 -10.83 -20.33 5.07
C ASP B 1 -10.64 -18.82 5.30
N HIS B 2 -9.36 -18.43 5.47
CA HIS B 2 -8.96 -17.03 5.69
C HIS B 2 -9.62 -16.42 6.93
N GLN B 3 -9.30 -17.00 8.09
CA GLN B 3 -9.90 -16.59 9.35
C GLN B 3 -9.46 -15.19 9.74
N LEU B 4 -8.15 -14.97 9.74
CA LEU B 4 -7.55 -13.77 10.34
C LEU B 4 -8.04 -12.46 9.72
N LEU B 5 -8.19 -12.44 8.40
CA LEU B 5 -8.71 -11.24 7.73
C LEU B 5 -10.16 -11.01 8.13
N ARG B 6 -11.00 -12.04 7.99
CA ARG B 6 -12.38 -11.98 8.46
C ARG B 6 -12.44 -11.45 9.90
N TYR B 7 -11.58 -12.00 10.75
CA TYR B 7 -11.50 -11.60 12.15
C TYR B 7 -11.11 -10.12 12.32
N LEU B 8 -10.17 -9.65 11.51
CA LEU B 8 -9.71 -8.26 11.59
C LEU B 8 -10.80 -7.26 11.20
N LEU B 9 -11.64 -7.64 10.23
CA LEU B 9 -12.76 -6.80 9.82
C LEU B 9 -13.86 -6.75 10.90
N ASP B 10 -14.24 -7.91 11.43
CA ASP B 10 -15.30 -7.99 12.44
C ASP B 10 -14.91 -7.36 13.78
N LYS B 11 -13.63 -7.49 14.14
CA LYS B 11 -13.12 -6.90 15.38
C LYS B 11 -13.18 -5.37 15.28
C1 P88 C . 10.17 -9.10 4.26
N1 P88 C . 7.95 -7.67 0.73
O1 P88 C . 8.16 -8.59 1.79
C2 P88 C . 8.70 -8.73 4.17
N2 P88 C . 3.92 3.52 8.44
O2 P88 C . 7.51 -4.49 3.49
C3 P88 C . 7.81 -9.97 4.18
O3 P88 C . 5.69 5.90 10.47
C4 P88 C . 8.44 -7.94 2.95
O4 P88 C . 3.57 5.82 9.95
C5 P88 C . 8.09 -6.42 1.24
C6 P88 C . 8.40 -6.50 2.61
C7 P88 C . 8.64 -5.35 3.56
C8 P88 C . 7.37 -3.36 4.26
C9 P88 C . 6.10 -2.82 4.42
C10 P88 C . 5.91 -1.68 5.18
C11 P88 C . 6.98 -1.03 5.80
C12 P88 C . 8.26 -1.59 5.63
C13 P88 C . 8.45 -2.73 4.87
C14 P88 C . 6.78 0.13 6.58
C15 P88 C . 7.88 0.77 7.20
C16 P88 C . 7.70 1.92 7.98
C17 P88 C . 6.44 2.47 8.14
C18 P88 C . 6.25 3.61 8.90
C19 P88 C . 4.97 4.13 9.04
C20 P88 C . 4.09 2.41 7.70
C21 P88 C . 5.35 1.86 7.53
C22 P88 C . 5.52 0.71 6.77
C23 P88 C . 4.74 5.37 9.87
C24 P88 C . 7.96 -5.14 0.48
C25 P88 C . 6.70 -4.67 0.14
C26 P88 C . 6.54 -3.49 -0.56
C27 P88 C . 7.67 -2.75 -0.93
C28 P88 C . 8.94 -3.21 -0.59
C29 P88 C . 9.08 -4.41 0.11
CL1 P88 C . 5.25 -5.62 0.60
CL2 P88 C . 10.72 -4.97 0.53
S SO4 D . 25.81 -9.56 6.64
O1 SO4 D . 26.05 -9.91 8.04
O2 SO4 D . 24.39 -9.47 6.41
O3 SO4 D . 26.44 -8.28 6.32
O4 SO4 D . 26.37 -10.61 5.78
#